data_7TB2
#
_entry.id   7TB2
#
_cell.length_a   99.007
_cell.length_b   79.432
_cell.length_c   51.942
_cell.angle_alpha   90.000
_cell.angle_beta   114.656
_cell.angle_gamma   90.000
#
_symmetry.space_group_name_H-M   'C 1 2 1'
#
loop_
_entity.id
_entity.type
_entity.pdbx_description
1 polymer '3C-like proteinase'
2 polymer 'Nonstructural protein 12/13'
3 water water
#
loop_
_entity_poly.entity_id
_entity_poly.type
_entity_poly.pdbx_seq_one_letter_code
_entity_poly.pdbx_strand_id
1 'polypeptide(L)'
;SGFRKMAFPSGKVEGCMVQVTCGTTTLNGLWLDDVVYCPRHVICTSEDMLNPNYEDLLIRKSNHNFLVQAGNVQLRVIGH
SMQNCVLKLKVDTANPKTPKYKFVRIQPGQTFSVLACYNGSPSGVYQCAMRPNFTIKGSFLNGSAGSVGFNIDYDCVSFC
YMHHMELPTGVHAGTDLEGNFYGPFVDRQTAQAAGTDTTITVNVLAWLYAAVINGDRWFLNRFTTTLNDFNLVAMKYNYE
PLTQDHVDILGPLSAQTGIAVLDMCASLKELLQNGMNGRTILGSALLEDEFTPFDVVRQCSGVTFQ
;
A
2 'polypeptide(L)' PHTVLQAV B
#
# COMPACT_ATOMS: atom_id res chain seq x y z
N SER A 1 -8.84 16.95 18.05
CA SER A 1 -8.31 17.60 16.86
CA SER A 1 -8.28 17.65 16.89
C SER A 1 -6.93 17.09 16.50
N GLY A 2 -6.40 17.56 15.38
CA GLY A 2 -5.15 17.07 14.84
C GLY A 2 -5.40 16.11 13.69
N PHE A 3 -4.42 15.99 12.81
CA PHE A 3 -4.57 15.07 11.69
C PHE A 3 -3.22 14.47 11.34
N ARG A 4 -3.12 13.14 11.45
CA ARG A 4 -1.83 12.49 11.29
C ARG A 4 -1.93 11.39 10.24
N LYS A 5 -0.79 11.04 9.67
CA LYS A 5 -0.74 9.86 8.80
C LYS A 5 -0.83 8.67 9.72
N MET A 6 -1.97 8.01 9.78
CA MET A 6 -2.19 7.07 10.86
C MET A 6 -2.41 5.68 10.29
N ALA A 7 -1.67 4.73 10.81
CA ALA A 7 -1.75 3.34 10.38
C ALA A 7 -2.69 2.57 11.30
N PHE A 8 -3.11 1.40 10.83
CA PHE A 8 -3.88 0.51 11.69
C PHE A 8 -2.96 -0.13 12.73
N PRO A 9 -3.51 -0.51 13.88
CA PRO A 9 -2.72 -1.22 14.86
C PRO A 9 -2.31 -2.55 14.24
N SER A 10 -1.07 -2.95 14.47
CA SER A 10 -0.45 -4.00 13.67
C SER A 10 -0.39 -5.34 14.38
N GLY A 11 -0.87 -5.45 15.61
CA GLY A 11 -0.70 -6.69 16.36
C GLY A 11 -1.20 -7.91 15.63
N LYS A 12 -2.38 -7.81 15.01
CA LYS A 12 -2.96 -8.96 14.32
C LYS A 12 -2.05 -9.44 13.19
N VAL A 13 -1.33 -8.53 12.57
CA VAL A 13 -0.44 -8.94 11.48
C VAL A 13 0.87 -9.46 12.03
N GLU A 14 1.38 -8.82 13.10
CA GLU A 14 2.64 -9.26 13.68
C GLU A 14 2.58 -10.73 14.01
N GLY A 15 1.44 -11.22 14.48
CA GLY A 15 1.33 -12.62 14.84
C GLY A 15 1.37 -13.58 13.66
N CYS A 16 1.39 -13.06 12.43
CA CYS A 16 1.40 -13.89 11.23
C CYS A 16 2.74 -13.90 10.51
N MET A 17 3.69 -13.07 10.94
CA MET A 17 4.95 -12.89 10.21
C MET A 17 5.94 -13.99 10.60
N VAL A 18 6.55 -14.60 9.58
CA VAL A 18 7.56 -15.65 9.73
C VAL A 18 8.72 -15.34 8.80
N GLN A 19 9.80 -16.11 8.96
CA GLN A 19 10.98 -15.99 8.15
C GLN A 19 11.04 -17.20 7.24
N VAL A 20 11.42 -17.00 5.99
CA VAL A 20 11.51 -18.08 5.02
C VAL A 20 12.88 -18.00 4.41
N THR A 21 13.64 -19.10 4.50
CA THR A 21 14.96 -19.14 3.90
C THR A 21 15.02 -20.30 2.91
N CYS A 22 15.60 -20.03 1.76
CA CYS A 22 15.91 -21.05 0.78
C CYS A 22 17.34 -20.78 0.32
N GLY A 23 18.26 -21.67 0.65
CA GLY A 23 19.66 -21.42 0.30
C GLY A 23 20.23 -20.32 1.16
N THR A 24 20.79 -19.30 0.53
CA THR A 24 21.27 -18.13 1.25
C THR A 24 20.30 -16.95 1.15
N THR A 25 19.12 -17.16 0.56
CA THR A 25 18.13 -16.11 0.36
C THR A 25 17.07 -16.20 1.46
N THR A 26 16.91 -15.12 2.22
CA THR A 26 15.95 -15.04 3.31
C THR A 26 14.98 -13.90 3.04
N LEU A 27 13.71 -14.11 3.36
CA LEU A 27 12.74 -13.01 3.30
C LEU A 27 11.60 -13.35 4.26
N ASN A 28 10.50 -12.59 4.19
CA ASN A 28 9.41 -12.77 5.13
C ASN A 28 8.30 -13.56 4.46
N GLY A 29 7.55 -14.30 5.29
CA GLY A 29 6.33 -14.93 4.84
C GLY A 29 5.18 -14.63 5.78
N LEU A 30 3.97 -14.87 5.28
CA LEU A 30 2.72 -14.63 5.98
C LEU A 30 2.06 -15.96 6.31
N TRP A 31 1.91 -16.27 7.59
CA TRP A 31 1.46 -17.58 8.06
C TRP A 31 0.00 -17.46 8.49
N LEU A 32 -0.91 -18.01 7.68
CA LEU A 32 -2.34 -18.02 7.96
C LEU A 32 -2.82 -19.47 7.93
N ASP A 33 -3.49 -19.91 8.99
CA ASP A 33 -3.86 -21.33 9.13
C ASP A 33 -2.60 -22.15 8.86
N ASP A 34 -2.64 -23.20 8.01
CA ASP A 34 -1.45 -24.02 7.80
C ASP A 34 -0.74 -23.71 6.49
N VAL A 35 -0.77 -22.45 6.03
CA VAL A 35 -0.06 -22.08 4.82
C VAL A 35 0.83 -20.88 5.10
N VAL A 36 2.02 -20.87 4.51
CA VAL A 36 2.90 -19.70 4.54
C VAL A 36 2.99 -19.16 3.12
N TYR A 37 2.64 -17.88 2.96
CA TYR A 37 2.72 -17.18 1.68
C TYR A 37 3.99 -16.35 1.63
N CYS A 38 4.74 -16.45 0.52
CA CYS A 38 5.91 -15.58 0.40
C CYS A 38 6.24 -15.33 -1.06
N PRO A 39 7.05 -14.31 -1.35
CA PRO A 39 7.43 -14.03 -2.74
C PRO A 39 8.21 -15.18 -3.34
N ARG A 40 7.89 -15.52 -4.58
CA ARG A 40 8.55 -16.70 -5.14
C ARG A 40 10.05 -16.50 -5.37
N HIS A 41 10.55 -15.24 -5.45
CA HIS A 41 11.99 -15.10 -5.72
C HIS A 41 12.88 -15.50 -4.52
N VAL A 42 12.29 -16.02 -3.43
CA VAL A 42 13.10 -16.64 -2.38
C VAL A 42 13.87 -17.83 -2.95
N ILE A 43 13.40 -18.44 -4.04
CA ILE A 43 14.10 -19.60 -4.60
C ILE A 43 15.22 -19.20 -5.55
N CYS A 44 15.41 -17.92 -5.79
CA CYS A 44 16.47 -17.47 -6.68
C CYS A 44 17.80 -17.42 -5.95
N THR A 45 18.87 -17.60 -6.71
CA THR A 45 20.21 -17.28 -6.28
C THR A 45 20.60 -15.93 -6.85
N SER A 46 21.78 -15.43 -6.48
CA SER A 46 22.27 -14.17 -7.03
C SER A 46 22.32 -14.19 -8.55
N GLU A 47 22.81 -15.29 -9.13
CA GLU A 47 22.87 -15.42 -10.57
C GLU A 47 21.52 -15.70 -11.22
N ASP A 48 20.49 -16.05 -10.44
CA ASP A 48 19.21 -16.43 -11.02
C ASP A 48 18.33 -15.24 -11.42
N MET A 49 18.60 -14.02 -10.93
CA MET A 49 17.54 -13.01 -10.91
C MET A 49 17.44 -12.12 -12.14
N LEU A 50 18.32 -12.23 -13.13
CA LEU A 50 18.13 -11.43 -14.34
C LEU A 50 16.94 -11.92 -15.16
N ASN A 51 16.85 -13.23 -15.39
CA ASN A 51 15.69 -13.79 -16.10
C ASN A 51 15.41 -15.19 -15.59
N PRO A 52 14.94 -15.31 -14.36
CA PRO A 52 14.69 -16.65 -13.81
C PRO A 52 13.53 -17.30 -14.54
N ASN A 53 13.62 -18.61 -14.73
CA ASN A 53 12.45 -19.39 -15.08
C ASN A 53 11.97 -20.03 -13.80
N TYR A 54 10.93 -19.44 -13.22
CA TYR A 54 10.52 -19.85 -11.88
C TYR A 54 9.97 -21.27 -11.86
N GLU A 55 9.32 -21.69 -12.95
CA GLU A 55 8.81 -23.06 -12.99
C GLU A 55 9.96 -24.07 -12.88
N ASP A 56 11.01 -23.84 -13.67
CA ASP A 56 12.23 -24.66 -13.61
C ASP A 56 12.85 -24.60 -12.24
N LEU A 57 13.02 -23.39 -11.71
CA LEU A 57 13.66 -23.24 -10.42
C LEU A 57 12.89 -23.97 -9.33
N LEU A 58 11.54 -23.99 -9.40
CA LEU A 58 10.75 -24.60 -8.34
C LEU A 58 10.73 -26.12 -8.46
N ILE A 59 10.70 -26.66 -9.68
CA ILE A 59 10.78 -28.12 -9.88
C ILE A 59 12.03 -28.67 -9.23
N ARG A 60 13.11 -27.91 -9.23
CA ARG A 60 14.35 -28.40 -8.63
C ARG A 60 14.39 -28.32 -7.11
N LYS A 61 13.34 -27.83 -6.44
CA LYS A 61 13.32 -27.76 -4.99
C LYS A 61 12.41 -28.85 -4.43
N SER A 62 12.64 -29.23 -3.18
CA SER A 62 11.66 -30.00 -2.43
C SER A 62 11.34 -29.30 -1.11
N ASN A 63 10.40 -29.87 -0.34
CA ASN A 63 9.97 -29.28 0.93
C ASN A 63 11.15 -28.95 1.84
N HIS A 64 12.14 -29.84 1.91
CA HIS A 64 13.20 -29.62 2.89
C HIS A 64 14.13 -28.46 2.52
N ASN A 65 13.99 -27.89 1.32
CA ASN A 65 14.79 -26.73 0.92
C ASN A 65 14.26 -25.43 1.52
N PHE A 66 13.07 -25.46 2.13
CA PHE A 66 12.43 -24.26 2.68
C PHE A 66 12.49 -24.32 4.20
N LEU A 67 13.27 -23.43 4.78
CA LEU A 67 13.38 -23.33 6.22
C LEU A 67 12.48 -22.18 6.65
N VAL A 68 11.44 -22.50 7.43
CA VAL A 68 10.47 -21.52 7.92
C VAL A 68 10.61 -21.44 9.42
N GLN A 69 10.81 -20.23 9.94
CA GLN A 69 10.96 -20.01 11.37
C GLN A 69 9.90 -19.03 11.85
N ALA A 70 9.07 -19.48 12.79
CA ALA A 70 8.14 -18.63 13.51
C ALA A 70 8.75 -18.38 14.88
N GLY A 71 9.31 -17.19 15.08
CA GLY A 71 10.05 -16.91 16.31
C GLY A 71 11.20 -17.89 16.44
N ASN A 72 11.25 -18.62 17.54
CA ASN A 72 12.27 -19.63 17.75
C ASN A 72 11.78 -21.03 17.40
N VAL A 73 10.66 -21.15 16.69
CA VAL A 73 10.09 -22.45 16.34
C VAL A 73 10.24 -22.64 14.84
N GLN A 74 10.87 -23.74 14.45
CA GLN A 74 10.98 -24.10 13.04
C GLN A 74 9.71 -24.84 12.64
N LEU A 75 9.12 -24.42 11.52
CA LEU A 75 7.86 -24.98 11.05
C LEU A 75 8.20 -25.96 9.92
N ARG A 76 7.64 -27.17 9.99
CA ARG A 76 8.00 -28.18 8.99
C ARG A 76 7.15 -27.98 7.74
N VAL A 77 7.81 -27.84 6.60
CA VAL A 77 7.11 -27.71 5.33
C VAL A 77 6.72 -29.08 4.82
N ILE A 78 5.44 -29.26 4.51
CA ILE A 78 4.91 -30.54 4.05
C ILE A 78 4.33 -30.46 2.65
N GLY A 79 4.37 -29.28 2.02
CA GLY A 79 3.89 -29.12 0.67
C GLY A 79 4.32 -27.77 0.14
N HIS A 80 4.49 -27.66 -1.17
CA HIS A 80 4.83 -26.37 -1.75
C HIS A 80 4.18 -26.25 -3.13
N SER A 81 3.78 -25.04 -3.48
CA SER A 81 3.30 -24.78 -4.84
C SER A 81 3.51 -23.32 -5.19
N MET A 82 3.43 -23.03 -6.49
CA MET A 82 3.47 -21.67 -7.00
C MET A 82 2.08 -21.18 -7.32
N GLN A 83 1.79 -19.97 -6.90
CA GLN A 83 0.56 -19.31 -7.35
C GLN A 83 0.94 -17.94 -7.89
N ASN A 84 0.97 -17.80 -9.22
CA ASN A 84 1.43 -16.56 -9.85
C ASN A 84 2.79 -16.19 -9.26
N CYS A 85 2.97 -15.02 -8.65
CA CYS A 85 4.30 -14.67 -8.15
C CYS A 85 4.51 -14.95 -6.66
N VAL A 86 3.60 -15.66 -5.99
CA VAL A 86 3.88 -16.09 -4.62
C VAL A 86 4.02 -17.60 -4.54
N LEU A 87 4.67 -18.06 -3.46
CA LEU A 87 4.73 -19.47 -3.11
C LEU A 87 3.73 -19.73 -1.99
N LYS A 88 3.06 -20.88 -2.04
CA LYS A 88 2.28 -21.36 -0.91
C LYS A 88 3.01 -22.55 -0.32
N LEU A 89 3.50 -22.39 0.91
CA LEU A 89 4.22 -23.46 1.59
C LEU A 89 3.28 -24.03 2.64
N LYS A 90 2.81 -25.26 2.43
CA LYS A 90 1.92 -25.86 3.42
C LYS A 90 2.78 -26.38 4.58
N VAL A 91 2.41 -26.01 5.82
CA VAL A 91 3.18 -26.42 6.98
C VAL A 91 2.30 -27.31 7.88
N ASP A 92 2.94 -27.99 8.82
CA ASP A 92 2.21 -29.06 9.51
C ASP A 92 1.46 -28.57 10.75
N THR A 93 1.44 -27.27 10.99
CA THR A 93 0.75 -26.72 12.15
C THR A 93 0.03 -25.44 11.74
N ALA A 94 -1.20 -25.28 12.19
CA ALA A 94 -1.92 -24.07 11.82
C ALA A 94 -1.52 -22.96 12.77
N ASN A 95 -1.43 -21.75 12.25
CA ASN A 95 -1.07 -20.60 13.10
C ASN A 95 -2.16 -20.35 14.12
N PRO A 96 -1.91 -20.52 15.42
CA PRO A 96 -2.98 -20.29 16.38
C PRO A 96 -3.38 -18.82 16.46
N LYS A 97 -2.54 -17.93 15.95
CA LYS A 97 -2.83 -16.51 15.97
C LYS A 97 -3.47 -16.01 14.68
N THR A 98 -3.95 -16.91 13.82
CA THR A 98 -4.59 -16.49 12.58
C THR A 98 -5.79 -15.61 12.86
N PRO A 99 -5.81 -14.36 12.38
CA PRO A 99 -7.00 -13.52 12.53
C PRO A 99 -8.04 -13.90 11.49
N LYS A 100 -9.27 -13.41 11.70
CA LYS A 100 -10.24 -13.36 10.60
C LYS A 100 -9.62 -12.52 9.48
N TYR A 101 -9.66 -13.02 8.24
CA TYR A 101 -8.96 -12.27 7.20
C TYR A 101 -9.60 -12.48 5.83
N LYS A 102 -9.21 -11.60 4.90
CA LYS A 102 -9.62 -11.65 3.50
C LYS A 102 -8.40 -11.30 2.66
N PHE A 103 -8.37 -11.82 1.43
CA PHE A 103 -7.43 -11.35 0.42
C PHE A 103 -8.22 -10.48 -0.56
N VAL A 104 -7.90 -9.19 -0.60
CA VAL A 104 -8.59 -8.22 -1.42
C VAL A 104 -7.55 -7.55 -2.31
N ARG A 105 -7.96 -7.15 -3.49
CA ARG A 105 -7.09 -6.35 -4.35
C ARG A 105 -7.61 -4.93 -4.32
N ILE A 106 -6.73 -3.95 -4.14
CA ILE A 106 -7.18 -2.57 -4.03
C ILE A 106 -7.01 -1.86 -5.37
N GLN A 107 -7.63 -0.64 -5.48
CA GLN A 107 -7.55 0.26 -6.60
C GLN A 107 -6.50 1.34 -6.35
N PRO A 108 -5.88 1.86 -7.40
CA PRO A 108 -5.08 3.08 -7.25
C PRO A 108 -5.91 4.17 -6.60
N GLY A 109 -5.26 4.91 -5.72
CA GLY A 109 -5.92 5.90 -4.89
C GLY A 109 -6.28 5.41 -3.50
N GLN A 110 -6.41 4.09 -3.29
CA GLN A 110 -6.74 3.58 -1.97
C GLN A 110 -5.48 3.44 -1.10
N THR A 111 -5.68 3.51 0.21
CA THR A 111 -4.56 3.49 1.16
C THR A 111 -4.53 2.16 1.94
N PHE A 112 -3.40 1.92 2.61
CA PHE A 112 -3.26 0.74 3.45
C PHE A 112 -2.04 0.94 4.37
N SER A 113 -2.01 0.14 5.43
CA SER A 113 -0.90 0.13 6.36
C SER A 113 0.10 -0.93 5.93
N VAL A 114 1.39 -0.64 6.08
CA VAL A 114 2.46 -1.58 5.77
C VAL A 114 3.14 -1.94 7.08
N LEU A 115 3.33 -3.24 7.34
CA LEU A 115 4.18 -3.69 8.46
C LEU A 115 5.51 -4.12 7.87
N ALA A 116 6.50 -3.23 7.89
CA ALA A 116 7.81 -3.55 7.35
C ALA A 116 8.52 -4.55 8.27
N CYS A 117 9.08 -5.59 7.68
CA CYS A 117 9.70 -6.69 8.43
C CYS A 117 11.05 -7.10 7.84
N TYR A 118 11.93 -7.59 8.72
CA TYR A 118 13.19 -8.20 8.31
C TYR A 118 13.39 -9.47 9.12
N ASN A 119 13.81 -10.55 8.44
CA ASN A 119 14.03 -11.86 9.07
C ASN A 119 12.83 -12.34 9.87
N GLY A 120 11.62 -12.07 9.36
CA GLY A 120 10.40 -12.46 10.02
C GLY A 120 9.98 -11.58 11.19
N SER A 121 10.73 -10.54 11.51
CA SER A 121 10.44 -9.73 12.69
C SER A 121 10.01 -8.33 12.31
N PRO A 122 8.88 -7.86 12.83
CA PRO A 122 8.41 -6.50 12.54
C PRO A 122 9.42 -5.43 12.91
N SER A 123 9.62 -4.48 12.00
CA SER A 123 10.48 -3.32 12.19
C SER A 123 9.71 -2.02 12.38
N GLY A 124 8.63 -1.79 11.62
CA GLY A 124 7.86 -0.57 11.86
C GLY A 124 6.61 -0.59 11.02
N VAL A 125 5.73 0.38 11.25
CA VAL A 125 4.44 0.41 10.57
C VAL A 125 4.22 1.82 10.02
N TYR A 126 3.70 1.91 8.79
CA TYR A 126 3.41 3.20 8.20
C TYR A 126 2.29 3.04 7.19
N GLN A 127 1.70 4.18 6.82
CA GLN A 127 0.61 4.27 5.85
C GLN A 127 1.14 4.57 4.43
N CYS A 128 0.53 3.91 3.43
CA CYS A 128 0.87 4.02 2.00
C CYS A 128 -0.42 4.21 1.19
N ALA A 129 -0.30 4.81 0.01
CA ALA A 129 -1.31 4.74 -1.04
C ALA A 129 -0.79 3.96 -2.25
N MET A 130 -1.69 3.22 -2.90
CA MET A 130 -1.49 2.73 -4.27
C MET A 130 -1.50 3.91 -5.21
N ARG A 131 -0.37 4.20 -5.84
CA ARG A 131 -0.33 5.32 -6.77
C ARG A 131 -1.14 5.02 -8.04
N PRO A 132 -1.61 6.05 -8.74
CA PRO A 132 -2.22 5.80 -10.07
C PRO A 132 -1.35 4.96 -11.00
N ASN A 133 -0.01 5.02 -10.88
CA ASN A 133 0.85 4.20 -11.74
C ASN A 133 1.17 2.85 -11.13
N PHE A 134 0.43 2.45 -10.10
CA PHE A 134 0.53 1.15 -9.44
C PHE A 134 1.85 0.90 -8.72
N THR A 135 2.62 1.94 -8.40
CA THR A 135 3.72 1.80 -7.46
C THR A 135 3.25 2.27 -6.10
N ILE A 136 4.07 1.99 -5.09
CA ILE A 136 3.87 2.59 -3.78
C ILE A 136 5.17 3.25 -3.34
N LYS A 137 5.05 4.38 -2.67
CA LYS A 137 6.22 5.09 -2.16
C LYS A 137 6.44 4.58 -0.73
N GLY A 138 7.13 3.45 -0.62
CA GLY A 138 7.34 2.80 0.65
C GLY A 138 8.67 3.15 1.28
N SER A 139 9.02 2.42 2.33
CA SER A 139 10.34 2.47 2.93
C SER A 139 10.77 1.01 3.15
N PHE A 140 11.61 0.53 2.26
CA PHE A 140 11.94 -0.89 2.18
C PHE A 140 13.41 -1.08 1.84
N LEU A 141 14.05 -2.03 2.53
CA LEU A 141 15.44 -2.34 2.32
C LEU A 141 15.58 -3.80 1.90
N ASN A 142 16.78 -4.18 1.50
CA ASN A 142 17.05 -5.59 1.25
C ASN A 142 16.55 -6.46 2.41
N GLY A 143 15.77 -7.50 2.08
CA GLY A 143 15.21 -8.39 3.09
C GLY A 143 13.78 -8.12 3.46
N SER A 144 13.21 -7.01 2.99
CA SER A 144 11.83 -6.64 3.33
C SER A 144 10.79 -7.35 2.49
N ALA A 145 11.17 -8.01 1.40
CA ALA A 145 10.15 -8.69 0.60
C ALA A 145 9.36 -9.69 1.44
N GLY A 146 8.07 -9.79 1.16
CA GLY A 146 7.16 -10.56 1.97
C GLY A 146 6.45 -9.78 3.05
N SER A 147 6.91 -8.56 3.36
CA SER A 147 6.15 -7.66 4.23
C SER A 147 4.82 -7.39 3.54
N VAL A 148 3.73 -7.23 4.32
CA VAL A 148 2.39 -7.11 3.73
C VAL A 148 1.77 -5.75 4.05
N GLY A 149 0.85 -5.34 3.17
CA GLY A 149 0.01 -4.18 3.39
C GLY A 149 -1.42 -4.67 3.66
N PHE A 150 -2.16 -3.89 4.47
CA PHE A 150 -3.45 -4.38 4.97
C PHE A 150 -4.33 -3.23 5.44
N ASN A 151 -5.64 -3.51 5.51
CA ASN A 151 -6.61 -2.64 6.17
C ASN A 151 -7.29 -3.52 7.19
N ILE A 152 -7.87 -2.92 8.23
CA ILE A 152 -8.63 -3.67 9.23
C ILE A 152 -10.03 -3.06 9.30
N ASP A 153 -11.03 -3.93 9.27
CA ASP A 153 -12.42 -3.52 9.49
C ASP A 153 -12.97 -4.39 10.60
N TYR A 154 -13.34 -3.77 11.72
CA TYR A 154 -13.79 -4.53 12.88
C TYR A 154 -12.69 -5.49 13.33
N ASP A 155 -12.89 -6.79 13.18
CA ASP A 155 -11.87 -7.74 13.60
C ASP A 155 -11.17 -8.40 12.43
N CYS A 156 -11.47 -7.96 11.20
CA CYS A 156 -11.07 -8.67 9.98
C CYS A 156 -9.94 -7.92 9.31
N VAL A 157 -8.84 -8.62 9.07
CA VAL A 157 -7.69 -8.04 8.38
C VAL A 157 -7.87 -8.32 6.89
N SER A 158 -7.97 -7.27 6.08
CA SER A 158 -8.00 -7.43 4.61
C SER A 158 -6.59 -7.19 4.09
N PHE A 159 -5.90 -8.27 3.72
CA PHE A 159 -4.55 -8.15 3.15
C PHE A 159 -4.68 -7.71 1.70
N CYS A 160 -3.94 -6.67 1.31
CA CYS A 160 -4.00 -6.24 -0.08
C CYS A 160 -2.65 -6.16 -0.79
N TYR A 161 -1.53 -6.28 -0.08
CA TYR A 161 -0.26 -6.06 -0.76
C TYR A 161 0.80 -6.99 -0.16
N MET A 162 1.64 -7.56 -1.02
CA MET A 162 2.84 -8.24 -0.53
C MET A 162 4.01 -7.65 -1.29
N HIS A 163 5.05 -7.22 -0.54
CA HIS A 163 6.18 -6.52 -1.14
C HIS A 163 7.12 -7.47 -1.86
N HIS A 164 7.56 -7.06 -3.07
CA HIS A 164 8.56 -7.83 -3.81
C HIS A 164 9.83 -7.06 -4.11
N MET A 165 9.75 -5.80 -4.55
CA MET A 165 10.91 -5.23 -5.24
C MET A 165 10.93 -3.71 -5.28
N GLU A 166 12.10 -3.17 -5.61
CA GLU A 166 12.31 -1.74 -5.67
C GLU A 166 12.70 -1.33 -7.08
N LEU A 167 11.96 -0.36 -7.63
CA LEU A 167 12.29 0.15 -8.97
C LEU A 167 13.45 1.13 -8.88
N PRO A 168 14.07 1.46 -10.02
CA PRO A 168 15.26 2.33 -9.98
C PRO A 168 15.02 3.72 -9.43
N THR A 169 13.80 4.26 -9.55
CA THR A 169 13.46 5.55 -8.96
C THR A 169 13.29 5.51 -7.45
N GLY A 170 13.47 4.35 -6.82
CA GLY A 170 13.32 4.25 -5.39
C GLY A 170 11.92 3.99 -4.90
N VAL A 171 10.94 3.81 -5.80
CA VAL A 171 9.59 3.40 -5.43
C VAL A 171 9.45 1.88 -5.50
N HIS A 172 8.32 1.35 -5.05
CA HIS A 172 8.23 -0.08 -4.73
C HIS A 172 7.07 -0.73 -5.49
N ALA A 173 7.21 -2.02 -5.75
CA ALA A 173 6.24 -2.77 -6.53
C ALA A 173 6.03 -4.12 -5.87
N GLY A 174 4.83 -4.66 -6.02
CA GLY A 174 4.45 -5.85 -5.29
C GLY A 174 3.16 -6.39 -5.85
N THR A 175 2.63 -7.40 -5.17
CA THR A 175 1.49 -8.16 -5.68
C THR A 175 0.35 -8.09 -4.68
N ASP A 176 -0.84 -8.48 -5.13
CA ASP A 176 -1.87 -8.86 -4.17
C ASP A 176 -1.50 -10.23 -3.56
N LEU A 177 -2.34 -10.73 -2.66
CA LEU A 177 -1.95 -11.95 -1.96
C LEU A 177 -2.28 -13.20 -2.77
N GLU A 178 -2.83 -13.03 -3.97
CA GLU A 178 -2.90 -14.12 -4.93
C GLU A 178 -1.70 -14.17 -5.83
N GLY A 179 -0.70 -13.29 -5.62
CA GLY A 179 0.51 -13.31 -6.39
C GLY A 179 0.49 -12.50 -7.67
N ASN A 180 -0.57 -11.72 -7.90
CA ASN A 180 -0.68 -10.95 -9.14
C ASN A 180 -0.15 -9.53 -8.93
N PHE A 181 0.81 -9.12 -9.75
CA PHE A 181 1.43 -7.81 -9.59
C PHE A 181 0.42 -6.67 -9.74
N TYR A 182 0.62 -5.62 -8.93
CA TYR A 182 0.01 -4.34 -9.24
C TYR A 182 0.83 -3.68 -10.32
N GLY A 183 0.21 -3.41 -11.46
CA GLY A 183 0.89 -2.67 -12.51
C GLY A 183 1.77 -3.54 -13.39
N PRO A 184 2.43 -2.92 -14.36
CA PRO A 184 3.11 -3.70 -15.43
C PRO A 184 4.55 -4.06 -15.05
N PHE A 185 4.69 -4.73 -13.92
CA PHE A 185 6.01 -5.06 -13.37
C PHE A 185 6.15 -6.58 -13.27
N VAL A 186 7.40 -7.05 -13.28
CA VAL A 186 7.72 -8.46 -13.19
C VAL A 186 8.83 -8.65 -12.16
N ASP A 187 8.87 -9.84 -11.55
CA ASP A 187 9.84 -10.09 -10.48
C ASP A 187 11.14 -10.62 -11.09
N ARG A 188 11.83 -9.70 -11.75
CA ARG A 188 13.14 -9.90 -12.37
C ARG A 188 13.95 -8.63 -12.22
N GLN A 189 15.27 -8.76 -12.15
CA GLN A 189 16.11 -7.58 -11.98
C GLN A 189 16.52 -7.10 -13.37
N THR A 190 15.58 -6.43 -14.03
CA THR A 190 15.78 -5.83 -15.34
C THR A 190 15.41 -4.36 -15.26
N ALA A 191 15.73 -3.64 -16.33
CA ALA A 191 15.25 -2.28 -16.51
C ALA A 191 13.74 -2.28 -16.57
N GLN A 192 13.10 -1.70 -15.56
CA GLN A 192 11.67 -1.49 -15.60
C GLN A 192 11.43 -0.09 -15.07
N ALA A 193 10.41 0.56 -15.58
CA ALA A 193 10.11 1.90 -15.08
C ALA A 193 8.61 2.05 -14.89
N ALA A 194 8.24 2.79 -13.85
CA ALA A 194 6.85 3.12 -13.63
C ALA A 194 6.34 4.06 -14.72
N GLY A 195 5.09 3.89 -15.13
CA GLY A 195 4.42 4.90 -15.92
C GLY A 195 4.36 6.24 -15.20
N THR A 196 4.05 7.28 -15.96
CA THR A 196 3.99 8.60 -15.34
C THR A 196 2.89 8.62 -14.29
N ASP A 197 3.16 9.25 -13.15
CA ASP A 197 2.16 9.28 -12.10
C ASP A 197 1.30 10.54 -12.18
N THR A 198 0.21 10.55 -11.42
CA THR A 198 -0.67 11.72 -11.35
C THR A 198 -1.13 11.88 -9.91
N THR A 199 -1.70 13.04 -9.59
CA THR A 199 -2.18 13.28 -8.23
C THR A 199 -3.63 12.82 -8.08
N ILE A 200 -3.94 12.21 -6.92
CA ILE A 200 -5.24 11.61 -6.64
C ILE A 200 -6.17 12.72 -6.15
N THR A 201 -6.99 13.25 -7.06
CA THR A 201 -7.78 14.45 -6.80
C THR A 201 -8.78 14.28 -5.68
N VAL A 202 -9.55 13.19 -5.70
CA VAL A 202 -10.55 13.05 -4.63
C VAL A 202 -9.88 13.03 -3.28
N ASN A 203 -8.67 12.47 -3.20
CA ASN A 203 -8.00 12.46 -1.90
C ASN A 203 -7.58 13.87 -1.48
N VAL A 204 -7.06 14.66 -2.41
CA VAL A 204 -6.69 16.02 -2.03
C VAL A 204 -7.90 16.74 -1.49
N LEU A 205 -9.08 16.55 -2.12
CA LEU A 205 -10.29 17.20 -1.62
C LEU A 205 -10.65 16.69 -0.22
N ALA A 206 -10.51 15.39 0.00
CA ALA A 206 -10.78 14.83 1.32
C ALA A 206 -9.90 15.49 2.39
N TRP A 207 -8.60 15.64 2.09
CA TRP A 207 -7.65 16.24 3.02
C TRP A 207 -7.96 17.73 3.25
N LEU A 208 -8.44 18.42 2.21
CA LEU A 208 -8.89 19.82 2.42
C LEU A 208 -10.08 19.85 3.38
N TYR A 209 -11.00 18.89 3.26
CA TYR A 209 -12.08 18.81 4.25
C TYR A 209 -11.54 18.51 5.64
N ALA A 210 -10.55 17.62 5.76
CA ALA A 210 -9.94 17.40 7.07
C ALA A 210 -9.37 18.70 7.65
N ALA A 211 -8.73 19.50 6.80
CA ALA A 211 -8.14 20.77 7.23
C ALA A 211 -9.21 21.70 7.78
N VAL A 212 -10.34 21.81 7.07
CA VAL A 212 -11.46 22.63 7.57
C VAL A 212 -11.97 22.09 8.91
N ILE A 213 -12.14 20.77 9.02
CA ILE A 213 -12.64 20.19 10.26
C ILE A 213 -11.70 20.53 11.41
N ASN A 214 -10.41 20.67 11.11
CA ASN A 214 -9.40 21.01 12.10
C ASN A 214 -9.08 22.51 12.19
N GLY A 215 -9.88 23.35 11.56
CA GLY A 215 -9.78 24.78 11.75
C GLY A 215 -8.89 25.52 10.77
N ASP A 216 -8.28 24.84 9.80
CA ASP A 216 -7.53 25.51 8.75
C ASP A 216 -8.53 25.94 7.68
N ARG A 217 -8.79 27.24 7.56
CA ARG A 217 -9.81 27.72 6.62
C ARG A 217 -9.32 28.76 5.65
N TRP A 218 -8.03 29.12 5.68
CA TRP A 218 -7.56 30.28 4.93
C TRP A 218 -7.75 30.11 3.43
N PHE A 219 -7.73 28.87 2.93
CA PHE A 219 -7.82 28.64 1.49
C PHE A 219 -9.25 28.66 0.97
N LEU A 220 -10.24 28.80 1.85
CA LEU A 220 -11.62 28.82 1.39
C LEU A 220 -11.93 30.15 0.68
N ASN A 221 -12.95 30.12 -0.17
CA ASN A 221 -13.39 31.31 -0.89
C ASN A 221 -14.87 31.16 -1.23
N ARG A 222 -15.45 32.27 -1.69
CA ARG A 222 -16.88 32.35 -2.00
C ARG A 222 -17.24 31.80 -3.37
N PHE A 223 -16.24 31.54 -4.21
CA PHE A 223 -16.39 31.00 -5.55
C PHE A 223 -16.92 29.56 -5.57
N THR A 224 -17.64 29.23 -6.62
CA THR A 224 -17.89 27.85 -6.96
C THR A 224 -17.34 27.59 -8.36
N THR A 225 -17.43 26.35 -8.79
CA THR A 225 -17.01 26.01 -10.13
C THR A 225 -17.89 24.88 -10.63
N THR A 226 -17.85 24.65 -11.94
CA THR A 226 -18.50 23.49 -12.49
C THR A 226 -17.52 22.31 -12.53
N LEU A 227 -18.07 21.11 -12.46
CA LEU A 227 -17.27 19.90 -12.57
C LEU A 227 -16.46 19.88 -13.87
N ASN A 228 -17.04 20.35 -14.98
CA ASN A 228 -16.28 20.41 -16.24
C ASN A 228 -15.17 21.44 -16.18
N ASP A 229 -15.44 22.63 -15.66
CA ASP A 229 -14.40 23.65 -15.60
C ASP A 229 -13.31 23.21 -14.63
N PHE A 230 -13.69 22.55 -13.55
CA PHE A 230 -12.67 22.03 -12.64
C PHE A 230 -11.78 21.01 -13.36
N ASN A 231 -12.39 20.04 -14.06
CA ASN A 231 -11.60 18.97 -14.66
C ASN A 231 -10.66 19.48 -15.74
N LEU A 232 -10.95 20.64 -16.32
CA LEU A 232 -10.00 21.25 -17.26
C LEU A 232 -8.77 21.74 -16.52
N VAL A 233 -8.95 22.24 -15.31
CA VAL A 233 -7.80 22.67 -14.50
C VAL A 233 -7.01 21.45 -14.01
N ALA A 234 -7.72 20.39 -13.61
CA ALA A 234 -7.03 19.18 -13.16
C ALA A 234 -6.15 18.59 -14.25
N MET A 235 -6.65 18.54 -15.48
CA MET A 235 -5.84 18.02 -16.57
C MET A 235 -4.54 18.82 -16.72
N LYS A 236 -4.63 20.15 -16.62
CA LYS A 236 -3.43 20.97 -16.82
C LYS A 236 -2.39 20.70 -15.75
N TYR A 237 -2.82 20.36 -14.55
CA TYR A 237 -1.92 20.19 -13.42
C TYR A 237 -1.65 18.73 -13.09
N ASN A 238 -1.96 17.82 -14.02
CA ASN A 238 -1.62 16.41 -13.85
C ASN A 238 -2.41 15.78 -12.70
N TYR A 239 -3.64 16.23 -12.48
CA TYR A 239 -4.51 15.66 -11.47
C TYR A 239 -5.47 14.69 -12.16
N GLU A 240 -5.90 13.67 -11.43
CA GLU A 240 -6.90 12.77 -11.99
C GLU A 240 -8.24 13.50 -12.17
N PRO A 241 -9.02 13.12 -13.18
CA PRO A 241 -10.33 13.74 -13.36
C PRO A 241 -11.21 13.41 -12.17
N LEU A 242 -12.05 14.36 -11.80
CA LEU A 242 -13.01 14.16 -10.72
C LEU A 242 -14.32 13.68 -11.32
N THR A 243 -14.90 12.65 -10.73
CA THR A 243 -16.15 12.12 -11.24
C THR A 243 -17.30 12.53 -10.33
N GLN A 244 -18.51 12.38 -10.87
CA GLN A 244 -19.69 12.49 -10.01
C GLN A 244 -19.66 11.48 -8.88
N ASP A 245 -19.07 10.28 -9.09
CA ASP A 245 -19.01 9.35 -7.95
C ASP A 245 -18.11 9.91 -6.84
N HIS A 246 -17.00 10.56 -7.22
CA HIS A 246 -16.15 11.23 -6.25
C HIS A 246 -16.92 12.32 -5.50
N VAL A 247 -17.66 13.17 -6.23
CA VAL A 247 -18.47 14.19 -5.57
C VAL A 247 -19.41 13.55 -4.56
N ASP A 248 -20.04 12.42 -4.94
CA ASP A 248 -20.96 11.73 -4.04
C ASP A 248 -20.26 11.16 -2.82
N ILE A 249 -19.07 10.56 -3.02
CA ILE A 249 -18.34 9.98 -1.91
C ILE A 249 -17.97 11.06 -0.89
N LEU A 250 -17.69 12.25 -1.36
CA LEU A 250 -17.33 13.38 -0.51
C LEU A 250 -18.55 14.00 0.17
N GLY A 251 -19.76 13.54 -0.17
CA GLY A 251 -20.99 14.04 0.41
C GLY A 251 -20.98 14.21 1.92
N PRO A 252 -20.62 13.15 2.67
CA PRO A 252 -20.62 13.26 4.14
C PRO A 252 -19.74 14.35 4.67
N LEU A 253 -18.50 14.46 4.17
CA LEU A 253 -17.63 15.54 4.59
C LEU A 253 -18.16 16.89 4.15
N SER A 254 -18.81 16.95 2.99
CA SER A 254 -19.41 18.19 2.52
C SER A 254 -20.52 18.63 3.46
N ALA A 255 -21.33 17.68 3.93
CA ALA A 255 -22.45 18.02 4.81
C ALA A 255 -21.94 18.42 6.18
N GLN A 256 -20.93 17.70 6.69
CA GLN A 256 -20.40 18.01 8.00
C GLN A 256 -19.85 19.43 8.05
N THR A 257 -19.12 19.85 7.02
CA THR A 257 -18.52 21.18 7.01
C THR A 257 -19.42 22.26 6.43
N GLY A 258 -20.49 21.91 5.72
CA GLY A 258 -21.26 22.93 5.02
C GLY A 258 -20.60 23.54 3.81
N ILE A 259 -19.52 22.97 3.29
CA ILE A 259 -18.86 23.47 2.09
C ILE A 259 -19.18 22.50 0.95
N ALA A 260 -19.84 22.99 -0.09
CA ALA A 260 -20.20 22.11 -1.20
C ALA A 260 -18.95 21.62 -1.92
N VAL A 261 -19.03 20.41 -2.48
CA VAL A 261 -17.83 19.84 -3.12
C VAL A 261 -17.31 20.76 -4.22
N LEU A 262 -18.21 21.28 -5.06
CA LEU A 262 -17.75 22.15 -6.13
C LEU A 262 -17.26 23.51 -5.62
N ASP A 263 -17.69 23.90 -4.43
CA ASP A 263 -17.11 25.05 -3.74
C ASP A 263 -15.67 24.73 -3.33
N MET A 264 -15.45 23.55 -2.76
CA MET A 264 -14.08 23.18 -2.42
C MET A 264 -13.22 23.03 -3.66
N CYS A 265 -13.79 22.54 -4.77
CA CYS A 265 -13.04 22.47 -6.02
C CYS A 265 -12.55 23.84 -6.44
N ALA A 266 -13.36 24.88 -6.19
CA ALA A 266 -12.90 26.24 -6.46
C ALA A 266 -11.67 26.60 -5.62
N SER A 267 -11.63 26.14 -4.36
CA SER A 267 -10.42 26.38 -3.56
C SER A 267 -9.22 25.66 -4.16
N LEU A 268 -9.39 24.40 -4.52
CA LEU A 268 -8.28 23.64 -5.09
C LEU A 268 -7.78 24.28 -6.39
N LYS A 269 -8.69 24.72 -7.25
CA LYS A 269 -8.27 25.46 -8.44
C LYS A 269 -7.34 26.63 -8.10
N GLU A 270 -7.72 27.43 -7.10
CA GLU A 270 -6.91 28.59 -6.74
C GLU A 270 -5.58 28.17 -6.14
N LEU A 271 -5.56 27.11 -5.33
CA LEU A 271 -4.30 26.62 -4.79
C LEU A 271 -3.38 26.11 -5.90
N LEU A 272 -3.96 25.47 -6.92
CA LEU A 272 -3.14 24.97 -8.00
C LEU A 272 -2.56 26.12 -8.82
N GLN A 273 -3.35 27.18 -9.01
CA GLN A 273 -2.93 28.27 -9.88
C GLN A 273 -2.02 29.29 -9.22
N ASN A 274 -2.08 29.43 -7.88
CA ASN A 274 -1.31 30.44 -7.15
C ASN A 274 -0.42 29.89 -6.03
N GLY A 275 -0.50 28.61 -5.70
CA GLY A 275 0.29 28.10 -4.59
C GLY A 275 -0.32 28.51 -3.25
N MET A 276 0.47 28.39 -2.18
CA MET A 276 -0.06 28.74 -0.86
C MET A 276 0.44 30.06 -0.32
N ASN A 277 1.27 30.79 -1.07
CA ASN A 277 1.84 32.07 -0.61
C ASN A 277 2.45 31.95 0.79
N GLY A 278 3.29 30.93 0.96
CA GLY A 278 4.03 30.74 2.19
C GLY A 278 3.26 30.16 3.35
N ARG A 279 2.00 29.79 3.15
CA ARG A 279 1.20 29.24 4.23
C ARG A 279 1.24 27.71 4.16
N THR A 280 0.63 27.07 5.17
CA THR A 280 0.59 25.61 5.22
C THR A 280 -0.83 25.15 5.52
N ILE A 281 -1.12 23.89 5.19
CA ILE A 281 -2.41 23.26 5.46
C ILE A 281 -2.12 21.98 6.22
N LEU A 282 -2.63 21.86 7.45
CA LEU A 282 -2.41 20.66 8.27
C LEU A 282 -0.91 20.34 8.36
N GLY A 283 -0.10 21.38 8.51
CA GLY A 283 1.33 21.14 8.66
C GLY A 283 2.10 20.89 7.38
N SER A 284 1.48 21.00 6.22
CA SER A 284 2.12 20.66 4.95
C SER A 284 2.17 21.87 4.02
N ALA A 285 3.25 22.01 3.26
CA ALA A 285 3.34 23.06 2.27
C ALA A 285 3.01 22.54 0.88
N LEU A 286 2.55 21.28 0.80
CA LEU A 286 2.18 20.63 -0.44
C LEU A 286 0.77 20.10 -0.31
N LEU A 287 0.12 19.89 -1.45
CA LEU A 287 -1.23 19.35 -1.46
C LEU A 287 -1.14 17.84 -1.28
N GLU A 288 -1.64 17.33 -0.15
CA GLU A 288 -1.51 15.93 0.24
C GLU A 288 -2.57 15.04 -0.42
N ASP A 289 -2.14 13.90 -0.98
CA ASP A 289 -3.12 13.08 -1.68
C ASP A 289 -3.11 11.60 -1.25
N GLU A 290 -2.54 11.27 -0.09
CA GLU A 290 -2.61 9.88 0.37
C GLU A 290 -3.56 9.72 1.56
N PHE A 291 -4.61 10.56 1.68
CA PHE A 291 -5.73 10.29 2.58
C PHE A 291 -7.01 10.11 1.77
N THR A 292 -7.66 8.97 1.92
CA THR A 292 -8.97 8.82 1.27
C THR A 292 -10.06 9.50 2.08
N PRO A 293 -11.23 9.73 1.46
CA PRO A 293 -12.39 10.20 2.24
C PRO A 293 -12.68 9.32 3.44
N PHE A 294 -12.56 7.99 3.29
CA PHE A 294 -12.72 7.08 4.42
C PHE A 294 -11.69 7.37 5.52
N ASP A 295 -10.42 7.53 5.14
CA ASP A 295 -9.38 7.84 6.11
C ASP A 295 -9.72 9.09 6.91
N VAL A 296 -10.24 10.11 6.23
CA VAL A 296 -10.58 11.36 6.93
C VAL A 296 -11.69 11.14 7.94
N VAL A 297 -12.80 10.52 7.50
CA VAL A 297 -13.91 10.26 8.41
C VAL A 297 -13.47 9.37 9.56
N ARG A 298 -12.73 8.29 9.25
CA ARG A 298 -12.22 7.38 10.27
C ARG A 298 -11.46 8.10 11.37
N GLN A 299 -10.55 8.98 10.97
CA GLN A 299 -9.67 9.64 11.94
C GLN A 299 -10.36 10.80 12.65
N CYS A 300 -11.13 11.60 11.93
CA CYS A 300 -11.89 12.69 12.54
C CYS A 300 -13.13 12.20 13.30
N SER A 301 -13.48 10.89 13.29
CA SER A 301 -14.58 10.34 14.09
C SER A 301 -14.19 9.24 15.07
N GLY A 302 -12.97 8.72 15.02
CA GLY A 302 -12.48 7.85 16.10
C GLY A 302 -12.92 6.40 16.02
N VAL A 303 -13.00 5.85 14.81
CA VAL A 303 -13.35 4.44 14.63
C VAL A 303 -12.23 3.56 15.20
N THR A 304 -12.61 2.48 15.91
CA THR A 304 -11.67 1.57 16.56
C THR A 304 -11.84 0.14 16.05
N PHE A 305 -10.89 -0.71 16.46
CA PHE A 305 -10.91 -2.14 16.12
C PHE A 305 -10.41 -2.97 17.31
N PRO B 1 20.21 1.16 -15.08
CA PRO B 1 19.51 0.88 -13.82
C PRO B 1 18.68 -0.40 -13.91
N HIS B 2 18.51 -1.10 -12.80
CA HIS B 2 17.62 -2.25 -12.78
C HIS B 2 16.84 -2.27 -11.48
N THR B 3 15.74 -2.99 -11.54
CA THR B 3 15.00 -3.30 -10.34
C THR B 3 15.82 -4.20 -9.42
N VAL B 4 15.48 -4.14 -8.15
CA VAL B 4 16.14 -4.89 -7.11
C VAL B 4 15.08 -5.71 -6.42
N LEU B 5 15.22 -7.04 -6.46
CA LEU B 5 14.34 -7.91 -5.70
C LEU B 5 14.77 -7.85 -4.24
N GLN B 6 13.84 -7.59 -3.32
CA GLN B 6 14.25 -7.31 -1.94
C GLN B 6 14.06 -8.48 -0.96
N ALA B 7 14.28 -9.72 -1.37
CA ALA B 7 14.75 -10.74 -0.41
C ALA B 7 16.17 -10.41 0.12
N VAL B 8 16.64 -11.19 1.10
CA VAL B 8 18.03 -11.04 1.61
C VAL B 8 18.73 -12.37 1.80
#